data_8RDF
#
_entry.id   8RDF
#
_cell.length_a   60.928
_cell.length_b   131.288
_cell.length_c   144.964
_cell.angle_alpha   90.000
_cell.angle_beta   90.000
_cell.angle_gamma   90.000
#
_symmetry.space_group_name_H-M   'C 2 2 21'
#
loop_
_entity.id
_entity.type
_entity.pdbx_description
1 polymer 'Fab CA4 H chain'
2 polymer 'Fab CA4 L chain'
3 non-polymer 'Haemophilus influenzae type b (Hib) DP3 oligosaccharide'
4 non-polymer 'ZINC ION'
5 water water
#
loop_
_entity_poly.entity_id
_entity_poly.type
_entity_poly.pdbx_seq_one_letter_code
_entity_poly.pdbx_strand_id
1 'polypeptide(L)'
;EVQLVESGGGLVTPGGSLRLSCAASGFTFNTYSMNWVRQAPGKGLEWVSSISRSSDYIYYADSVKGRFTISRDNAKNSVY
LQMTSLRDEDTAVYYCARDPGGMPTTVTTWLYWGQGTLVTVSSASTKGPSVFPLAPSSKSTSGGTAALGCLVKDYFPEPV
TVSWNSGALTSGVHTFPAVLQSSGLYSLSSVVTVPSSSLGTQTYICNVNHKPSNTKVDKRVEPK
;
H
2 'polypeptide(L)'
;EIVLTQSPGTLSLSPGERATLSCRASQSVTSNYLAWYQQKPGQAPRLLIYDTSRRATGIPDRFSGSGSATDFTLTISRLE
PDDFAIYYCQQYGSSPPVTFGHGTKVEIKRTVAAPSVFIFPPSDEQLKSGTASVVCLLNNFYPREAKVQWKVDNALQSGN
SQESVTEQDSKDSTYSLSSTLTLSKADYEKHKVYACEVTHQGLSSPVTKSFNRGEC
;
L
#
# COMPACT_ATOMS: atom_id res chain seq x y z
N GLU A 1 8.31 -6.21 -25.13
CA GLU A 1 7.54 -5.79 -23.96
C GLU A 1 6.48 -6.82 -23.59
N VAL A 2 6.83 -7.71 -22.66
CA VAL A 2 5.85 -8.64 -22.13
C VAL A 2 4.89 -7.89 -21.21
N GLN A 3 3.59 -7.99 -21.49
CA GLN A 3 2.60 -7.20 -20.77
C GLN A 3 1.41 -8.07 -20.39
N LEU A 4 0.94 -7.91 -19.17
CA LEU A 4 -0.32 -8.48 -18.68
C LEU A 4 -1.14 -7.35 -18.08
N VAL A 5 -2.41 -7.25 -18.47
CA VAL A 5 -3.29 -6.18 -18.00
C VAL A 5 -4.61 -6.80 -17.57
N GLU A 6 -4.97 -6.60 -16.30
CA GLU A 6 -6.24 -7.07 -15.76
C GLU A 6 -7.32 -6.01 -15.92
N SER A 7 -8.57 -6.47 -15.97
CA SER A 7 -9.72 -5.57 -16.02
C SER A 7 -10.91 -6.28 -15.38
N GLY A 8 -11.93 -5.50 -15.03
CA GLY A 8 -13.16 -6.05 -14.53
C GLY A 8 -13.36 -5.97 -13.03
N GLY A 9 -12.43 -5.38 -12.29
CA GLY A 9 -12.59 -5.21 -10.87
C GLY A 9 -13.63 -4.15 -10.54
N GLY A 10 -13.92 -4.02 -9.25
CA GLY A 10 -14.84 -3.01 -8.79
C GLY A 10 -15.61 -3.49 -7.57
N LEU A 11 -16.64 -2.72 -7.23
CA LEU A 11 -17.45 -2.97 -6.04
C LEU A 11 -18.62 -3.90 -6.40
N VAL A 12 -18.79 -4.94 -5.60
CA VAL A 12 -19.85 -5.92 -5.80
C VAL A 12 -20.43 -6.29 -4.45
N THR A 13 -21.75 -6.49 -4.40
CA THR A 13 -22.41 -6.83 -3.16
C THR A 13 -22.18 -8.30 -2.81
N PRO A 14 -22.20 -8.65 -1.52
CA PRO A 14 -21.97 -10.04 -1.13
C PRO A 14 -23.00 -10.98 -1.77
N GLY A 15 -22.51 -12.13 -2.22
CA GLY A 15 -23.31 -13.04 -3.01
C GLY A 15 -23.30 -12.78 -4.49
N GLY A 16 -22.92 -11.58 -4.91
CA GLY A 16 -22.91 -11.22 -6.31
C GLY A 16 -21.80 -11.90 -7.08
N SER A 17 -21.74 -11.57 -8.37
CA SER A 17 -20.80 -12.18 -9.30
C SER A 17 -20.06 -11.11 -10.08
N LEU A 18 -18.84 -11.44 -10.49
CA LEU A 18 -17.98 -10.51 -11.22
C LEU A 18 -17.04 -11.31 -12.11
N ARG A 19 -16.82 -10.82 -13.32
CA ARG A 19 -15.98 -11.49 -14.31
C ARG A 19 -14.71 -10.67 -14.53
N LEU A 20 -13.56 -11.28 -14.27
CA LEU A 20 -12.27 -10.64 -14.45
C LEU A 20 -11.63 -11.07 -15.76
N SER A 21 -10.96 -10.12 -16.41
CA SER A 21 -10.26 -10.37 -17.67
C SER A 21 -8.81 -9.95 -17.52
N CYS A 22 -7.93 -10.64 -18.26
CA CYS A 22 -6.52 -10.29 -18.30
C CYS A 22 -6.00 -10.52 -19.71
N ALA A 23 -5.64 -9.45 -20.41
CA ALA A 23 -5.05 -9.56 -21.73
C ALA A 23 -3.53 -9.60 -21.63
N ALA A 24 -2.90 -10.34 -22.54
CA ALA A 24 -1.48 -10.59 -22.46
C ALA A 24 -0.82 -10.35 -23.81
N SER A 25 0.45 -9.95 -23.77
CA SER A 25 1.20 -9.69 -24.98
C SER A 25 2.67 -10.00 -24.76
N GLY A 26 3.40 -10.10 -25.87
CA GLY A 26 4.83 -10.19 -25.82
C GLY A 26 5.42 -11.58 -25.68
N PHE A 27 4.61 -12.63 -25.81
CA PHE A 27 5.12 -13.99 -25.72
C PHE A 27 4.14 -14.93 -26.41
N THR A 28 4.61 -16.15 -26.66
CA THR A 28 3.75 -17.17 -27.25
C THR A 28 2.74 -17.63 -26.20
N PHE A 29 1.58 -16.97 -26.18
CA PHE A 29 0.59 -17.16 -25.12
C PHE A 29 0.15 -18.61 -25.01
N ASN A 30 -0.01 -19.29 -26.15
CA ASN A 30 -0.58 -20.63 -26.18
C ASN A 30 0.38 -21.72 -25.70
N THR A 31 1.58 -21.35 -25.24
CA THR A 31 2.51 -22.32 -24.67
C THR A 31 2.75 -22.08 -23.18
N TYR A 32 1.82 -21.38 -22.53
CA TYR A 32 2.03 -20.92 -21.16
C TYR A 32 0.80 -21.20 -20.31
N SER A 33 1.03 -21.71 -19.11
CA SER A 33 -0.03 -21.72 -18.10
C SER A 33 -0.25 -20.31 -17.60
N MET A 34 -1.51 -19.88 -17.60
CA MET A 34 -1.87 -18.57 -17.06
C MET A 34 -2.47 -18.74 -15.68
N ASN A 35 -2.21 -17.77 -14.81
CA ASN A 35 -2.47 -17.94 -13.38
C ASN A 35 -3.08 -16.68 -12.79
N TRP A 36 -3.99 -16.87 -11.85
CA TRP A 36 -4.59 -15.78 -11.08
C TRP A 36 -4.10 -15.87 -9.64
N VAL A 37 -3.66 -14.74 -9.10
CA VAL A 37 -3.20 -14.64 -7.71
C VAL A 37 -3.77 -13.36 -7.12
N ARG A 38 -4.21 -13.44 -5.87
CA ARG A 38 -4.83 -12.29 -5.23
C ARG A 38 -4.11 -11.92 -3.95
N GLN A 39 -4.35 -10.68 -3.51
CA GLN A 39 -3.73 -10.14 -2.29
C GLN A 39 -4.75 -9.24 -1.61
N ALA A 40 -5.30 -9.69 -0.49
CA ALA A 40 -6.24 -8.89 0.27
C ALA A 40 -5.53 -7.66 0.84
N PRO A 41 -6.27 -6.56 1.04
CA PRO A 41 -5.63 -5.32 1.53
C PRO A 41 -4.96 -5.54 2.87
N GLY A 42 -3.67 -5.19 2.93
CA GLY A 42 -2.87 -5.32 4.13
C GLY A 42 -2.22 -6.68 4.32
N LYS A 43 -2.71 -7.71 3.62
CA LYS A 43 -2.26 -9.07 3.85
C LYS A 43 -1.28 -9.51 2.77
N GLY A 44 -0.95 -10.80 2.76
CA GLY A 44 -0.02 -11.36 1.80
C GLY A 44 -0.72 -11.90 0.56
N LEU A 45 -0.01 -12.79 -0.13
CA LEU A 45 -0.46 -13.31 -1.42
C LEU A 45 -1.07 -14.70 -1.26
N GLU A 46 -2.06 -14.98 -2.10
CA GLU A 46 -2.81 -16.23 -2.05
C GLU A 46 -3.16 -16.63 -3.48
N TRP A 47 -2.62 -17.76 -3.93
CA TRP A 47 -2.89 -18.23 -5.28
C TRP A 47 -4.34 -18.67 -5.41
N VAL A 48 -4.98 -18.25 -6.51
CA VAL A 48 -6.41 -18.48 -6.67
C VAL A 48 -6.67 -19.63 -7.64
N SER A 49 -6.16 -19.51 -8.87
CA SER A 49 -6.47 -20.48 -9.89
C SER A 49 -5.42 -20.43 -11.00
N SER A 50 -5.27 -21.56 -11.70
CA SER A 50 -4.36 -21.68 -12.81
C SER A 50 -5.00 -22.53 -13.90
N ILE A 51 -4.45 -22.45 -15.11
CA ILE A 51 -4.98 -23.19 -16.24
C ILE A 51 -3.83 -23.47 -17.22
N SER A 52 -3.79 -24.68 -17.74
CA SER A 52 -2.71 -25.06 -18.64
C SER A 52 -2.90 -24.40 -20.00
N ARG A 53 -1.90 -24.59 -20.87
CA ARG A 53 -1.86 -23.85 -22.13
C ARG A 53 -3.02 -24.17 -23.05
N SER A 54 -3.62 -25.36 -22.92
CA SER A 54 -4.74 -25.76 -23.76
C SER A 54 -5.96 -26.17 -22.93
N SER A 55 -6.09 -25.61 -21.72
CA SER A 55 -7.25 -25.79 -20.86
C SER A 55 -7.49 -27.25 -20.48
N ASP A 56 -6.48 -28.11 -20.65
CA ASP A 56 -6.66 -29.53 -20.31
C ASP A 56 -6.65 -29.75 -18.81
N TYR A 57 -5.95 -28.91 -18.07
CA TYR A 57 -5.81 -29.06 -16.62
C TYR A 57 -6.17 -27.74 -15.95
N ILE A 58 -7.15 -27.78 -15.07
CA ILE A 58 -7.69 -26.60 -14.40
C ILE A 58 -7.57 -26.80 -12.89
N TYR A 59 -7.04 -25.79 -12.20
CA TYR A 59 -6.74 -25.90 -10.78
C TYR A 59 -7.33 -24.72 -10.02
N TYR A 60 -7.91 -25.00 -8.87
CA TYR A 60 -8.45 -23.98 -7.98
C TYR A 60 -7.97 -24.21 -6.56
N ALA A 61 -7.80 -23.11 -5.83
CA ALA A 61 -7.60 -23.20 -4.40
C ALA A 61 -8.92 -23.58 -3.72
N ASP A 62 -8.82 -24.34 -2.64
CA ASP A 62 -10.02 -24.80 -1.94
C ASP A 62 -10.88 -23.64 -1.46
N SER A 63 -10.27 -22.47 -1.26
CA SER A 63 -11.02 -21.29 -0.83
C SER A 63 -12.02 -20.81 -1.87
N VAL A 64 -11.81 -21.15 -3.14
CA VAL A 64 -12.67 -20.68 -4.22
C VAL A 64 -13.29 -21.80 -5.04
N LYS A 65 -12.95 -23.07 -4.77
CA LYS A 65 -13.50 -24.17 -5.55
C LYS A 65 -15.02 -24.18 -5.47
N GLY A 66 -15.65 -24.50 -6.60
CA GLY A 66 -17.09 -24.47 -6.71
C GLY A 66 -17.69 -23.11 -6.94
N ARG A 67 -16.94 -22.03 -6.69
CA ARG A 67 -17.44 -20.67 -6.85
C ARG A 67 -16.78 -19.92 -7.99
N PHE A 68 -15.48 -20.11 -8.20
CA PHE A 68 -14.76 -19.42 -9.28
C PHE A 68 -14.53 -20.37 -10.44
N THR A 69 -14.60 -19.84 -11.66
CA THR A 69 -14.33 -20.60 -12.86
C THR A 69 -13.30 -19.84 -13.69
N ILE A 70 -12.25 -20.54 -14.12
CA ILE A 70 -11.21 -19.97 -14.95
C ILE A 70 -11.36 -20.50 -16.36
N SER A 71 -10.89 -19.73 -17.33
CA SER A 71 -10.93 -20.08 -18.73
C SER A 71 -10.02 -19.13 -19.50
N ARG A 72 -9.61 -19.56 -20.68
CA ARG A 72 -8.79 -18.72 -21.55
C ARG A 72 -9.31 -18.79 -22.98
N ASP A 73 -8.72 -17.97 -23.84
CA ASP A 73 -9.00 -17.98 -25.27
C ASP A 73 -7.69 -17.68 -25.97
N ASN A 74 -7.03 -18.71 -26.49
CA ASN A 74 -5.72 -18.54 -27.10
C ASN A 74 -5.77 -17.75 -28.40
N ALA A 75 -6.96 -17.44 -28.91
CA ALA A 75 -7.11 -16.58 -30.08
C ALA A 75 -7.22 -15.11 -29.72
N LYS A 76 -7.35 -14.78 -28.44
CA LYS A 76 -7.40 -13.40 -27.97
C LYS A 76 -6.34 -13.11 -26.92
N ASN A 77 -5.46 -14.06 -26.62
CA ASN A 77 -4.41 -13.90 -25.62
C ASN A 77 -4.98 -13.40 -24.29
N SER A 78 -6.03 -14.07 -23.83
CA SER A 78 -6.79 -13.59 -22.67
C SER A 78 -7.18 -14.76 -21.78
N VAL A 79 -7.10 -14.53 -20.47
CA VAL A 79 -7.57 -15.47 -19.47
C VAL A 79 -8.65 -14.78 -18.66
N TYR A 80 -9.61 -15.55 -18.16
CA TYR A 80 -10.78 -15.02 -17.51
C TYR A 80 -11.02 -15.72 -16.17
N LEU A 81 -11.79 -15.06 -15.31
CA LEU A 81 -12.12 -15.59 -13.99
C LEU A 81 -13.57 -15.19 -13.68
N GLN A 82 -14.49 -16.14 -13.81
CA GLN A 82 -15.87 -15.91 -13.44
C GLN A 82 -16.01 -16.15 -11.93
N MET A 83 -16.18 -15.08 -11.17
CA MET A 83 -16.37 -15.17 -9.72
C MET A 83 -17.86 -15.13 -9.41
N THR A 84 -18.31 -16.08 -8.58
CA THR A 84 -19.68 -16.13 -8.12
C THR A 84 -19.70 -16.36 -6.61
N SER A 85 -20.83 -16.04 -6.00
CA SER A 85 -21.04 -16.20 -4.56
C SER A 85 -19.89 -15.54 -3.78
N LEU A 86 -19.77 -14.23 -3.94
CA LEU A 86 -18.60 -13.51 -3.45
C LEU A 86 -18.73 -13.18 -1.97
N ARG A 87 -17.64 -13.41 -1.24
CA ARG A 87 -17.58 -13.18 0.20
C ARG A 87 -16.65 -12.02 0.52
N ASP A 88 -16.72 -11.57 1.78
CA ASP A 88 -15.83 -10.51 2.24
C ASP A 88 -14.37 -10.93 2.12
N GLU A 89 -14.09 -12.21 2.27
CA GLU A 89 -12.70 -12.70 2.23
C GLU A 89 -12.14 -12.58 0.83
N ASP A 90 -13.02 -12.37 -0.13
CA ASP A 90 -12.60 -12.35 -1.55
C ASP A 90 -12.24 -10.92 -1.90
N THR A 91 -12.42 -10.00 -0.97
CA THR A 91 -11.96 -8.64 -1.21
C THR A 91 -10.45 -8.64 -1.29
N ALA A 92 -9.92 -8.42 -2.49
CA ALA A 92 -8.48 -8.48 -2.72
C ALA A 92 -8.16 -7.79 -4.03
N VAL A 93 -6.87 -7.56 -4.25
CA VAL A 93 -6.36 -7.15 -5.55
C VAL A 93 -5.98 -8.42 -6.31
N TYR A 94 -6.58 -8.61 -7.48
CA TYR A 94 -6.45 -9.84 -8.24
C TYR A 94 -5.40 -9.66 -9.33
N TYR A 95 -4.37 -10.51 -9.30
CA TYR A 95 -3.27 -10.43 -10.25
C TYR A 95 -3.37 -11.56 -11.26
N CYS A 96 -3.02 -11.24 -12.50
CA CYS A 96 -2.84 -12.20 -13.57
C CYS A 96 -1.35 -12.37 -13.81
N ALA A 97 -0.88 -13.62 -13.84
CA ALA A 97 0.55 -13.88 -13.74
C ALA A 97 0.96 -15.01 -14.67
N ARG A 98 2.23 -14.96 -15.10
CA ARG A 98 2.82 -15.92 -16.03
C ARG A 98 4.11 -16.47 -15.44
N ASP A 99 4.37 -17.75 -15.67
CA ASP A 99 5.56 -18.40 -15.13
C ASP A 99 6.80 -18.02 -15.94
N PRO A 100 8.00 -18.18 -15.36
CA PRO A 100 9.21 -17.69 -16.03
C PRO A 100 9.57 -18.43 -17.31
N GLY A 101 8.77 -19.40 -17.76
CA GLY A 101 9.07 -20.10 -18.99
C GLY A 101 9.78 -21.42 -18.75
N GLY A 102 9.44 -22.42 -19.57
CA GLY A 102 10.06 -23.73 -19.43
C GLY A 102 9.81 -24.40 -18.11
N MET A 103 8.64 -24.18 -17.50
CA MET A 103 8.38 -24.74 -16.18
C MET A 103 7.76 -26.13 -16.30
N PRO A 104 7.99 -27.00 -15.31
CA PRO A 104 7.62 -28.41 -15.46
C PRO A 104 6.13 -28.71 -15.33
N THR A 105 5.36 -27.86 -14.64
CA THR A 105 3.94 -28.13 -14.45
C THR A 105 3.16 -26.82 -14.52
N THR A 106 1.84 -26.93 -14.36
CA THR A 106 0.95 -25.80 -14.63
C THR A 106 1.10 -24.71 -13.57
N VAL A 107 1.17 -25.10 -12.29
CA VAL A 107 1.25 -24.14 -11.20
C VAL A 107 2.67 -24.16 -10.65
N THR A 108 3.34 -23.00 -10.71
CA THR A 108 4.73 -22.90 -10.27
C THR A 108 5.01 -21.56 -9.61
N THR A 109 5.86 -20.75 -10.24
CA THR A 109 6.13 -19.39 -9.80
C THR A 109 5.92 -18.45 -10.96
N TRP A 110 5.98 -17.14 -10.70
CA TRP A 110 5.44 -16.16 -11.63
C TRP A 110 6.42 -15.00 -11.79
N LEU A 111 7.02 -14.93 -12.98
CA LEU A 111 7.99 -13.88 -13.29
C LEU A 111 7.32 -12.59 -13.73
N TYR A 112 6.20 -12.69 -14.44
CA TYR A 112 5.51 -11.54 -14.98
C TYR A 112 4.16 -11.38 -14.30
N TRP A 113 3.86 -10.17 -13.84
CA TRP A 113 2.60 -9.85 -13.19
C TRP A 113 1.95 -8.66 -13.87
N GLY A 114 0.62 -8.62 -13.79
CA GLY A 114 -0.10 -7.45 -14.22
C GLY A 114 -0.08 -6.38 -13.15
N GLN A 115 -0.74 -5.26 -13.46
CA GLN A 115 -0.87 -4.21 -12.46
C GLN A 115 -1.87 -4.58 -11.37
N GLY A 116 -2.72 -5.56 -11.61
CA GLY A 116 -3.70 -5.99 -10.64
C GLY A 116 -4.97 -5.15 -10.70
N THR A 117 -6.11 -5.78 -10.48
CA THR A 117 -7.39 -5.10 -10.40
C THR A 117 -8.05 -5.42 -9.07
N LEU A 118 -8.73 -4.43 -8.49
CA LEU A 118 -9.20 -4.50 -7.12
C LEU A 118 -10.69 -4.82 -7.08
N VAL A 119 -11.05 -5.87 -6.36
CA VAL A 119 -12.43 -6.32 -6.24
C VAL A 119 -12.86 -6.12 -4.79
N THR A 120 -13.79 -5.19 -4.58
CA THR A 120 -14.32 -4.90 -3.25
C THR A 120 -15.65 -5.62 -3.09
N VAL A 121 -15.73 -6.50 -2.10
CA VAL A 121 -16.97 -7.17 -1.73
C VAL A 121 -17.52 -6.45 -0.51
N SER A 122 -18.64 -5.76 -0.69
CA SER A 122 -19.27 -4.92 0.32
C SER A 122 -20.63 -4.48 -0.22
N SER A 123 -21.62 -4.38 0.68
CA SER A 123 -22.92 -3.87 0.31
C SER A 123 -23.03 -2.37 0.56
N ALA A 124 -22.00 -1.77 1.16
CA ALA A 124 -21.90 -0.32 1.18
C ALA A 124 -21.93 0.22 -0.25
N SER A 125 -22.39 1.45 -0.38
CA SER A 125 -22.58 2.07 -1.68
C SER A 125 -21.38 2.93 -2.06
N THR A 126 -21.02 2.90 -3.34
CA THR A 126 -19.96 3.78 -3.83
C THR A 126 -20.29 5.22 -3.49
N LYS A 127 -19.32 5.92 -2.91
CA LYS A 127 -19.53 7.29 -2.44
C LYS A 127 -18.30 8.12 -2.75
N GLY A 128 -18.49 9.21 -3.48
CA GLY A 128 -17.42 10.13 -3.80
C GLY A 128 -16.91 10.85 -2.55
N PRO A 129 -15.70 11.38 -2.63
CA PRO A 129 -15.08 11.98 -1.45
C PRO A 129 -15.49 13.43 -1.25
N SER A 130 -15.13 13.95 -0.08
CA SER A 130 -15.31 15.36 0.28
C SER A 130 -13.94 15.95 0.53
N VAL A 131 -13.51 16.87 -0.33
CA VAL A 131 -12.15 17.39 -0.32
C VAL A 131 -12.15 18.74 0.38
N PHE A 132 -11.56 18.78 1.56
CA PHE A 132 -11.39 20.01 2.31
C PHE A 132 -9.92 20.43 2.32
N PRO A 133 -9.64 21.73 2.35
CA PRO A 133 -8.24 22.17 2.27
C PRO A 133 -7.58 22.29 3.65
N LEU A 134 -6.29 21.96 3.66
CA LEU A 134 -5.46 22.15 4.85
C LEU A 134 -4.64 23.42 4.62
N ALA A 135 -5.16 24.54 5.12
CA ALA A 135 -4.60 25.84 4.81
C ALA A 135 -3.22 25.99 5.46
N PRO A 136 -2.25 26.59 4.76
CA PRO A 136 -0.93 26.76 5.35
C PRO A 136 -0.93 27.76 6.50
N SER A 137 -0.12 27.47 7.51
CA SER A 137 -0.07 28.27 8.73
C SER A 137 0.71 29.56 8.52
N SER A 138 1.45 29.99 9.53
CA SER A 138 2.32 31.16 9.46
C SER A 138 3.24 31.20 10.67
N THR A 141 5.71 27.66 10.86
CA THR A 141 6.96 27.94 10.16
C THR A 141 8.15 27.39 10.95
N SER A 142 8.60 26.20 10.58
CA SER A 142 9.73 25.55 11.24
C SER A 142 10.91 25.55 10.26
N GLY A 143 11.95 26.31 10.60
CA GLY A 143 13.10 26.44 9.72
C GLY A 143 12.78 27.11 8.40
N GLY A 144 11.77 27.98 8.39
CA GLY A 144 11.31 28.59 7.16
C GLY A 144 10.40 27.72 6.32
N THR A 145 9.95 26.58 6.86
CA THR A 145 9.13 25.63 6.12
C THR A 145 7.66 25.80 6.49
N ALA A 146 6.80 25.73 5.48
CA ALA A 146 5.36 25.73 5.67
C ALA A 146 4.78 24.44 5.13
N ALA A 147 3.60 24.08 5.63
CA ALA A 147 2.90 22.88 5.20
C ALA A 147 1.47 23.23 4.79
N LEU A 148 0.94 22.43 3.86
CA LEU A 148 -0.41 22.60 3.35
C LEU A 148 -0.81 21.30 2.67
N GLY A 149 -2.11 21.12 2.48
CA GLY A 149 -2.56 19.91 1.83
C GLY A 149 -4.06 19.88 1.65
N CYS A 150 -4.55 18.74 1.18
CA CYS A 150 -5.96 18.50 0.99
C CYS A 150 -6.38 17.31 1.84
N LEU A 151 -7.51 17.47 2.53
CA LEU A 151 -8.12 16.40 3.31
C LEU A 151 -9.22 15.76 2.48
N VAL A 152 -9.04 14.49 2.14
CA VAL A 152 -10.00 13.74 1.34
C VAL A 152 -10.80 12.87 2.30
N LYS A 153 -12.03 13.27 2.59
CA LYS A 153 -12.80 12.72 3.69
C LYS A 153 -14.00 11.94 3.19
N ASP A 154 -14.20 10.74 3.76
CA ASP A 154 -15.40 9.93 3.56
C ASP A 154 -15.63 9.56 2.10
N TYR A 155 -15.12 8.40 1.69
CA TYR A 155 -15.34 7.88 0.35
C TYR A 155 -15.28 6.36 0.38
N PHE A 156 -15.96 5.73 -0.57
CA PHE A 156 -16.00 4.29 -0.67
C PHE A 156 -16.35 3.92 -2.10
N PRO A 157 -15.73 2.89 -2.69
CA PRO A 157 -14.65 2.11 -2.10
C PRO A 157 -13.29 2.72 -2.41
N GLU A 158 -12.21 1.98 -2.11
CA GLU A 158 -10.90 2.35 -2.60
C GLU A 158 -10.90 2.26 -4.12
N PRO A 159 -9.98 2.99 -4.79
CA PRO A 159 -8.99 3.94 -4.29
C PRO A 159 -9.25 5.38 -4.74
N VAL A 160 -8.50 6.33 -4.20
CA VAL A 160 -8.41 7.66 -4.76
C VAL A 160 -6.95 7.98 -5.02
N THR A 161 -6.70 8.70 -6.10
CA THR A 161 -5.38 9.26 -6.38
C THR A 161 -5.39 10.75 -6.08
N VAL A 162 -4.25 11.27 -5.65
CA VAL A 162 -4.08 12.69 -5.40
C VAL A 162 -2.80 13.14 -6.09
N SER A 163 -2.85 14.30 -6.71
CA SER A 163 -1.68 14.93 -7.30
C SER A 163 -1.79 16.43 -7.11
N TRP A 164 -0.68 17.13 -7.35
CA TRP A 164 -0.59 18.57 -7.13
C TRP A 164 -0.17 19.25 -8.42
N ASN A 165 -0.92 20.29 -8.79
CA ASN A 165 -0.70 21.03 -10.04
C ASN A 165 -0.66 20.06 -11.22
N SER A 166 -1.60 19.10 -11.20
CA SER A 166 -1.72 18.01 -12.16
C SER A 166 -0.35 17.49 -12.62
N GLY A 167 0.38 16.93 -11.66
CA GLY A 167 1.62 16.24 -11.94
C GLY A 167 2.89 17.09 -11.86
N ALA A 168 2.77 18.42 -11.88
CA ALA A 168 3.98 19.25 -11.94
C ALA A 168 4.70 19.30 -10.60
N LEU A 169 3.96 19.43 -9.50
CA LEU A 169 4.56 19.48 -8.16
C LEU A 169 4.74 18.06 -7.64
N THR A 170 5.97 17.70 -7.29
CA THR A 170 6.24 16.36 -6.82
C THR A 170 7.10 16.39 -5.56
N SER A 171 7.99 17.37 -5.46
CA SER A 171 8.91 17.44 -4.34
C SER A 171 8.18 17.94 -3.10
N GLY A 172 8.54 17.36 -1.95
CA GLY A 172 7.93 17.71 -0.69
C GLY A 172 6.57 17.12 -0.44
N VAL A 173 5.96 16.50 -1.45
CA VAL A 173 4.63 15.90 -1.27
C VAL A 173 4.77 14.62 -0.48
N HIS A 174 3.89 14.44 0.51
CA HIS A 174 3.77 13.20 1.26
C HIS A 174 2.29 12.84 1.31
N THR A 175 1.90 11.85 0.50
CA THR A 175 0.52 11.42 0.38
C THR A 175 0.32 10.13 1.16
N PHE A 176 -0.72 10.10 1.99
CA PHE A 176 -0.76 9.05 2.99
C PHE A 176 -1.69 7.91 2.58
N PRO A 177 -1.42 6.71 3.10
CA PRO A 177 -2.36 5.60 2.92
C PRO A 177 -3.72 5.93 3.51
N ALA A 178 -4.77 5.46 2.84
CA ALA A 178 -6.12 5.70 3.33
C ALA A 178 -6.35 5.01 4.67
N VAL A 179 -7.28 5.55 5.45
CA VAL A 179 -7.60 5.03 6.77
C VAL A 179 -9.09 4.71 6.80
N LEU A 180 -9.44 3.59 7.44
CA LEU A 180 -10.82 3.14 7.55
C LEU A 180 -11.44 3.76 8.80
N GLN A 181 -12.36 4.70 8.62
CA GLN A 181 -13.09 5.25 9.74
C GLN A 181 -14.12 4.24 10.23
N SER A 182 -14.61 4.47 11.46
CA SER A 182 -15.74 3.68 11.95
C SER A 182 -16.99 3.91 11.11
N SER A 183 -17.01 4.99 10.32
CA SER A 183 -18.07 5.19 9.33
C SER A 183 -18.20 3.99 8.41
N GLY A 184 -17.11 3.27 8.19
CA GLY A 184 -17.00 2.34 7.08
C GLY A 184 -16.45 2.98 5.83
N LEU A 185 -16.26 4.30 5.84
CA LEU A 185 -15.74 5.05 4.71
C LEU A 185 -14.26 5.36 4.92
N TYR A 186 -13.57 5.58 3.81
CA TYR A 186 -12.14 5.83 3.82
C TYR A 186 -11.86 7.33 3.82
N SER A 187 -10.65 7.68 4.26
CA SER A 187 -10.22 9.07 4.29
C SER A 187 -8.72 9.12 4.24
N LEU A 188 -8.18 10.19 3.65
CA LEU A 188 -6.74 10.38 3.58
C LEU A 188 -6.42 11.86 3.47
N SER A 189 -5.18 12.20 3.78
CA SER A 189 -4.63 13.53 3.56
C SER A 189 -3.45 13.43 2.62
N SER A 190 -3.25 14.48 1.83
CA SER A 190 -2.06 14.62 1.00
C SER A 190 -1.49 16.00 1.27
N VAL A 191 -0.25 16.06 1.72
CA VAL A 191 0.34 17.31 2.19
C VAL A 191 1.60 17.62 1.39
N VAL A 192 1.97 18.90 1.43
CA VAL A 192 3.20 19.39 0.80
C VAL A 192 3.92 20.29 1.78
N THR A 193 5.24 20.15 1.86
CA THR A 193 6.08 21.07 2.61
C THR A 193 6.74 22.03 1.63
N VAL A 194 6.66 23.33 1.93
CA VAL A 194 7.21 24.36 1.05
C VAL A 194 7.92 25.41 1.88
N PRO A 195 8.87 26.11 1.28
CA PRO A 195 9.35 27.36 1.88
C PRO A 195 8.21 28.34 2.04
N SER A 196 8.21 29.07 3.15
CA SER A 196 7.09 29.96 3.46
C SER A 196 6.92 31.03 2.39
N SER A 197 8.03 31.55 1.85
CA SER A 197 7.93 32.68 0.94
C SER A 197 7.24 32.31 -0.37
N SER A 198 7.37 31.05 -0.81
CA SER A 198 6.77 30.63 -2.08
C SER A 198 5.26 30.48 -1.99
N LEU A 199 4.65 30.78 -0.84
CA LEU A 199 3.19 30.85 -0.77
C LEU A 199 2.64 31.99 -1.61
N GLY A 200 3.45 33.00 -1.91
CA GLY A 200 3.02 34.09 -2.75
C GLY A 200 3.40 33.91 -4.21
N THR A 201 4.45 33.13 -4.45
CA THR A 201 5.01 32.98 -5.79
C THR A 201 4.57 31.71 -6.49
N GLN A 202 3.63 30.96 -5.91
CA GLN A 202 3.08 29.79 -6.59
C GLN A 202 1.68 29.54 -6.06
N THR A 203 0.84 28.95 -6.90
CA THR A 203 -0.48 28.48 -6.50
C THR A 203 -0.45 26.96 -6.40
N TYR A 204 -1.14 26.42 -5.40
CA TYR A 204 -1.14 25.00 -5.10
C TYR A 204 -2.55 24.46 -5.27
N ILE A 205 -2.73 23.63 -6.30
CA ILE A 205 -4.01 23.01 -6.61
C ILE A 205 -3.87 21.50 -6.47
N CYS A 206 -4.64 20.90 -5.57
CA CYS A 206 -4.65 19.46 -5.41
C CYS A 206 -5.72 18.87 -6.32
N ASN A 207 -5.36 17.81 -7.07
CA ASN A 207 -6.25 17.14 -8.01
C ASN A 207 -6.57 15.77 -7.41
N VAL A 208 -7.80 15.60 -6.96
CA VAL A 208 -8.25 14.35 -6.36
C VAL A 208 -9.11 13.61 -7.38
N ASN A 209 -8.93 12.30 -7.45
CA ASN A 209 -9.59 11.47 -8.46
C ASN A 209 -10.14 10.23 -7.79
N HIS A 210 -11.44 10.00 -7.98
CA HIS A 210 -12.15 8.83 -7.44
C HIS A 210 -12.92 8.18 -8.59
N LYS A 211 -12.21 7.45 -9.43
CA LYS A 211 -12.88 6.73 -10.53
C LYS A 211 -14.01 5.82 -10.07
N PRO A 212 -13.97 5.15 -8.88
CA PRO A 212 -15.14 4.37 -8.45
C PRO A 212 -16.45 5.16 -8.43
N SER A 213 -16.38 6.49 -8.54
CA SER A 213 -17.59 7.30 -8.63
C SER A 213 -17.46 8.41 -9.67
N ASN A 214 -16.44 8.34 -10.54
CA ASN A 214 -16.20 9.36 -11.58
C ASN A 214 -16.03 10.75 -10.96
N THR A 215 -15.40 10.80 -9.79
CA THR A 215 -15.18 12.05 -9.10
C THR A 215 -13.81 12.62 -9.48
N LYS A 216 -13.81 13.88 -9.90
CA LYS A 216 -12.58 14.62 -10.14
C LYS A 216 -12.71 15.97 -9.44
N VAL A 217 -11.81 16.22 -8.48
CA VAL A 217 -11.85 17.43 -7.65
C VAL A 217 -10.52 18.14 -7.77
N ASP A 218 -10.57 19.45 -8.01
CA ASP A 218 -9.38 20.30 -8.03
C ASP A 218 -9.58 21.40 -7.00
N LYS A 219 -9.03 21.20 -5.81
CA LYS A 219 -9.12 22.18 -4.74
C LYS A 219 -7.88 23.06 -4.73
N ARG A 220 -8.09 24.37 -4.72
CA ARG A 220 -7.00 25.33 -4.59
C ARG A 220 -6.80 25.66 -3.11
N VAL A 221 -5.55 25.56 -2.65
CA VAL A 221 -5.23 25.74 -1.24
C VAL A 221 -4.52 27.07 -1.07
N GLU A 222 -5.12 27.95 -0.27
CA GLU A 222 -4.63 29.29 0.00
C GLU A 222 -4.47 29.50 1.50
N PRO A 223 -3.70 30.51 1.91
CA PRO A 223 -3.62 30.83 3.34
C PRO A 223 -4.95 31.37 3.85
N LYS A 224 -5.34 30.88 5.02
CA LYS A 224 -6.59 31.30 5.65
C LYS A 224 -6.37 32.56 6.49
N GLU B 1 -1.57 -29.33 2.84
CA GLU B 1 -1.04 -27.97 2.76
C GLU B 1 0.25 -27.84 3.58
N ILE B 2 1.15 -26.98 3.11
CA ILE B 2 2.43 -26.70 3.77
C ILE B 2 2.40 -25.27 4.28
N VAL B 3 2.94 -25.06 5.48
CA VAL B 3 3.05 -23.74 6.08
C VAL B 3 4.49 -23.26 5.94
N LEU B 4 4.66 -22.02 5.50
CA LEU B 4 5.97 -21.40 5.36
C LEU B 4 6.11 -20.31 6.41
N THR B 5 7.07 -20.48 7.32
CA THR B 5 7.33 -19.52 8.38
C THR B 5 8.58 -18.72 8.03
N GLN B 6 8.43 -17.40 7.95
CA GLN B 6 9.54 -16.51 7.64
C GLN B 6 10.01 -15.81 8.91
N SER B 7 11.33 -15.71 9.08
CA SER B 7 11.94 -15.02 10.20
C SER B 7 13.10 -14.18 9.69
N PRO B 8 13.30 -12.98 10.24
CA PRO B 8 12.41 -12.40 11.26
C PRO B 8 11.21 -11.70 10.64
N GLY B 9 10.34 -11.15 11.48
CA GLY B 9 9.23 -10.36 10.96
C GLY B 9 9.70 -9.07 10.33
N THR B 10 10.59 -8.36 11.02
CA THR B 10 11.16 -7.11 10.52
C THR B 10 12.67 -7.17 10.61
N LEU B 11 13.34 -6.47 9.69
CA LEU B 11 14.80 -6.40 9.66
C LEU B 11 15.21 -4.98 9.30
N SER B 12 15.85 -4.31 10.24
CA SER B 12 16.32 -2.93 10.05
C SER B 12 17.84 -2.93 9.94
N LEU B 13 18.35 -2.51 8.79
CA LEU B 13 19.78 -2.56 8.51
C LEU B 13 20.21 -1.30 7.79
N SER B 14 21.46 -0.90 8.03
CA SER B 14 22.08 0.22 7.36
C SER B 14 22.47 -0.15 5.94
N PRO B 15 22.63 0.83 5.05
CA PRO B 15 23.12 0.54 3.70
C PRO B 15 24.51 -0.08 3.75
N GLY B 16 24.72 -1.12 2.93
CA GLY B 16 25.96 -1.83 2.86
C GLY B 16 25.99 -3.11 3.66
N GLU B 17 25.27 -3.16 4.78
CA GLU B 17 25.18 -4.38 5.57
C GLU B 17 24.49 -5.47 4.76
N ARG B 18 24.66 -6.72 5.22
CA ARG B 18 24.11 -7.87 4.53
C ARG B 18 22.86 -8.37 5.23
N ALA B 19 21.77 -8.51 4.48
CA ALA B 19 20.52 -9.04 5.00
C ALA B 19 20.44 -10.54 4.78
N THR B 20 19.97 -11.25 5.80
CA THR B 20 19.78 -12.70 5.73
C THR B 20 18.33 -13.01 6.12
N LEU B 21 17.54 -13.47 5.16
CA LEU B 21 16.15 -13.81 5.38
C LEU B 21 15.98 -15.32 5.33
N SER B 22 15.04 -15.83 6.13
CA SER B 22 14.86 -17.26 6.31
C SER B 22 13.42 -17.67 6.04
N CYS B 23 13.25 -18.86 5.48
CA CYS B 23 11.93 -19.44 5.21
C CYS B 23 11.98 -20.91 5.58
N ARG B 24 11.14 -21.32 6.52
CA ARG B 24 11.10 -22.70 6.99
C ARG B 24 9.74 -23.31 6.67
N ALA B 25 9.75 -24.44 5.98
CA ALA B 25 8.52 -25.13 5.60
C ALA B 25 8.15 -26.17 6.65
N SER B 26 6.84 -26.36 6.82
CA SER B 26 6.34 -27.37 7.74
C SER B 26 6.67 -28.78 7.28
N GLN B 27 6.94 -28.96 5.98
CA GLN B 27 7.36 -30.24 5.42
C GLN B 27 8.52 -29.98 4.48
N SER B 28 8.91 -31.01 3.72
CA SER B 28 9.93 -30.84 2.70
C SER B 28 9.30 -30.38 1.39
N VAL B 29 10.02 -29.53 0.66
CA VAL B 29 9.54 -28.96 -0.59
C VAL B 29 10.17 -29.75 -1.72
N THR B 30 9.32 -30.41 -2.51
CA THR B 30 9.81 -31.31 -3.56
C THR B 30 10.68 -30.56 -4.55
N SER B 31 11.86 -31.13 -4.83
CA SER B 31 12.80 -30.61 -5.81
C SER B 31 13.26 -29.18 -5.50
N ASN B 32 13.10 -28.76 -4.25
CA ASN B 32 13.51 -27.42 -3.81
C ASN B 32 12.84 -26.32 -4.65
N TYR B 33 11.55 -26.51 -4.92
CA TYR B 33 10.74 -25.52 -5.62
C TYR B 33 10.39 -24.40 -4.64
N LEU B 34 11.33 -23.48 -4.45
CA LEU B 34 11.16 -22.35 -3.54
C LEU B 34 11.55 -21.08 -4.26
N ALA B 35 10.73 -20.04 -4.12
CA ALA B 35 11.00 -18.76 -4.74
C ALA B 35 11.04 -17.64 -3.70
N TRP B 36 11.63 -16.52 -4.09
CA TRP B 36 11.65 -15.31 -3.29
C TRP B 36 11.15 -14.15 -4.13
N TYR B 37 10.19 -13.41 -3.60
CA TYR B 37 9.66 -12.22 -4.25
C TYR B 37 10.06 -10.98 -3.45
N GLN B 38 10.14 -9.87 -4.15
CA GLN B 38 10.24 -8.56 -3.52
C GLN B 38 9.01 -7.75 -3.91
N GLN B 39 8.36 -7.14 -2.92
CA GLN B 39 7.20 -6.31 -3.17
C GLN B 39 7.36 -4.98 -2.45
N LYS B 40 7.28 -3.91 -3.21
CA LYS B 40 7.24 -2.55 -2.69
C LYS B 40 5.81 -2.05 -2.68
N PRO B 41 5.48 -1.11 -1.80
CA PRO B 41 4.06 -0.72 -1.62
C PRO B 41 3.46 -0.17 -2.90
N GLY B 42 2.22 -0.57 -3.16
CA GLY B 42 1.50 -0.16 -4.34
C GLY B 42 1.90 -0.86 -5.63
N GLN B 43 2.92 -1.72 -5.59
CA GLN B 43 3.41 -2.41 -6.76
C GLN B 43 3.07 -3.90 -6.67
N ALA B 44 3.32 -4.60 -7.77
CA ALA B 44 3.19 -6.04 -7.88
C ALA B 44 4.49 -6.72 -7.44
N PRO B 45 4.43 -7.99 -7.05
CA PRO B 45 5.66 -8.66 -6.61
C PRO B 45 6.64 -8.85 -7.76
N ARG B 46 7.93 -8.65 -7.44
CA ARG B 46 9.02 -8.83 -8.39
C ARG B 46 9.77 -10.10 -8.01
N LEU B 47 9.70 -11.11 -8.88
CA LEU B 47 10.35 -12.38 -8.60
C LEU B 47 11.86 -12.20 -8.60
N LEU B 48 12.50 -12.54 -7.47
CA LEU B 48 13.95 -12.48 -7.33
C LEU B 48 14.60 -13.81 -7.62
N ILE B 49 14.21 -14.85 -6.86
CA ILE B 49 14.80 -16.17 -6.97
C ILE B 49 13.68 -17.19 -7.19
N TYR B 50 14.02 -18.28 -7.87
CA TYR B 50 13.16 -19.45 -7.90
C TYR B 50 14.05 -20.68 -8.08
N ASP B 51 13.49 -21.85 -7.81
CA ASP B 51 14.25 -23.09 -7.72
C ASP B 51 15.37 -22.95 -6.69
N THR B 52 15.01 -22.38 -5.53
CA THR B 52 15.90 -22.15 -4.39
C THR B 52 16.99 -21.13 -4.68
N SER B 53 17.65 -21.22 -5.83
CA SER B 53 18.86 -20.42 -6.05
C SER B 53 18.99 -19.78 -7.43
N ARG B 54 18.14 -20.09 -8.41
CA ARG B 54 18.34 -19.48 -9.73
C ARG B 54 17.81 -18.05 -9.74
N ARG B 55 18.70 -17.09 -9.98
CA ARG B 55 18.30 -15.70 -10.08
C ARG B 55 17.41 -15.49 -11.30
N ALA B 56 16.33 -14.74 -11.11
CA ALA B 56 15.49 -14.37 -12.24
C ALA B 56 16.25 -13.44 -13.18
N THR B 57 15.72 -13.29 -14.38
CA THR B 57 16.41 -12.49 -15.39
C THR B 57 16.43 -11.02 -14.99
N GLY B 58 17.62 -10.44 -14.95
CA GLY B 58 17.79 -9.02 -14.67
C GLY B 58 17.93 -8.63 -13.22
N ILE B 59 18.12 -9.58 -12.30
CA ILE B 59 18.17 -9.31 -10.87
C ILE B 59 19.64 -9.18 -10.46
N PRO B 60 20.01 -8.13 -9.69
CA PRO B 60 21.42 -7.96 -9.28
C PRO B 60 22.03 -9.17 -8.60
N ASP B 61 23.36 -9.28 -8.69
CA ASP B 61 24.06 -10.46 -8.16
C ASP B 61 24.00 -10.55 -6.64
N ARG B 62 23.73 -9.44 -5.94
CA ARG B 62 23.69 -9.49 -4.48
C ARG B 62 22.55 -10.38 -3.98
N PHE B 63 21.48 -10.51 -4.75
CA PHE B 63 20.38 -11.39 -4.40
C PHE B 63 20.76 -12.83 -4.70
N SER B 64 21.02 -13.62 -3.66
CA SER B 64 21.34 -15.03 -3.81
C SER B 64 20.46 -15.84 -2.87
N GLY B 65 20.06 -17.02 -3.32
CA GLY B 65 19.21 -17.91 -2.56
C GLY B 65 19.93 -19.20 -2.22
N SER B 66 19.70 -19.70 -1.01
CA SER B 66 20.30 -20.93 -0.54
C SER B 66 19.22 -21.82 0.07
N GLY B 67 19.62 -22.99 0.53
CA GLY B 67 18.76 -23.85 1.31
C GLY B 67 18.37 -25.12 0.58
N SER B 68 17.66 -25.98 1.31
CA SER B 68 17.22 -27.27 0.84
C SER B 68 16.22 -27.86 1.84
N ALA B 69 15.33 -28.71 1.33
CA ALA B 69 14.36 -29.43 2.13
C ALA B 69 13.39 -28.51 2.87
N THR B 70 13.73 -28.13 4.10
CA THR B 70 12.84 -27.34 4.95
C THR B 70 13.43 -26.02 5.39
N ASP B 71 14.67 -25.70 5.01
CA ASP B 71 15.35 -24.49 5.46
C ASP B 71 15.93 -23.78 4.23
N PHE B 72 15.37 -22.62 3.90
CA PHE B 72 15.82 -21.84 2.74
C PHE B 72 16.18 -20.43 3.20
N THR B 73 17.12 -19.83 2.47
CA THR B 73 17.68 -18.54 2.85
C THR B 73 17.74 -17.61 1.65
N LEU B 74 17.57 -16.31 1.92
CA LEU B 74 17.74 -15.27 0.93
C LEU B 74 18.74 -14.25 1.47
N THR B 75 19.83 -14.04 0.73
CA THR B 75 20.91 -13.17 1.16
C THR B 75 20.97 -11.94 0.27
N ILE B 76 21.14 -10.78 0.89
CA ILE B 76 21.26 -9.50 0.18
C ILE B 76 22.58 -8.89 0.61
N SER B 77 23.64 -9.16 -0.16
CA SER B 77 25.00 -8.88 0.31
C SER B 77 25.23 -7.39 0.53
N ARG B 78 25.05 -6.59 -0.53
CA ARG B 78 25.05 -5.14 -0.40
C ARG B 78 23.62 -4.64 -0.31
N LEU B 79 23.41 -3.55 0.43
CA LEU B 79 22.08 -3.02 0.65
C LEU B 79 22.05 -1.56 0.18
N GLU B 80 21.25 -1.30 -0.83
CA GLU B 80 20.93 0.05 -1.26
C GLU B 80 19.61 0.49 -0.63
N PRO B 81 19.40 1.79 -0.44
CA PRO B 81 18.15 2.25 0.22
C PRO B 81 16.89 1.88 -0.55
N ASP B 82 17.00 1.49 -1.81
CA ASP B 82 15.93 1.04 -2.67
C ASP B 82 15.52 -0.42 -2.37
N ASP B 83 15.97 -0.96 -1.23
CA ASP B 83 15.61 -2.30 -0.79
C ASP B 83 14.62 -2.30 0.37
N PHE B 84 14.08 -1.14 0.73
CA PHE B 84 12.95 -1.10 1.66
C PHE B 84 11.74 -1.73 0.99
N ALA B 85 11.40 -2.94 1.42
CA ALA B 85 10.31 -3.70 0.80
C ALA B 85 9.95 -4.85 1.73
N ILE B 86 8.99 -5.65 1.30
CA ILE B 86 8.63 -6.90 1.96
C ILE B 86 9.04 -8.04 1.04
N TYR B 87 9.61 -9.09 1.62
CA TYR B 87 10.18 -10.20 0.86
C TYR B 87 9.45 -11.49 1.24
N TYR B 88 8.80 -12.11 0.26
CA TYR B 88 8.02 -13.32 0.47
C TYR B 88 8.75 -14.53 -0.10
N CYS B 89 8.65 -15.66 0.60
CA CYS B 89 9.04 -16.94 0.05
C CYS B 89 7.78 -17.69 -0.41
N GLN B 90 7.96 -18.55 -1.40
CA GLN B 90 6.84 -19.31 -1.93
C GLN B 90 7.32 -20.67 -2.42
N GLN B 91 6.64 -21.72 -1.99
CA GLN B 91 6.93 -23.08 -2.44
C GLN B 91 5.96 -23.47 -3.56
N TYR B 92 6.41 -24.38 -4.41
CA TYR B 92 5.56 -24.93 -5.45
C TYR B 92 5.90 -26.39 -5.71
N GLY B 93 6.08 -27.17 -4.64
CA GLY B 93 6.38 -28.57 -4.76
C GLY B 93 5.20 -29.46 -4.42
N SER B 94 4.37 -29.04 -3.47
CA SER B 94 3.22 -29.82 -3.04
C SER B 94 2.28 -30.15 -4.19
N PRO B 97 -1.27 -27.67 -3.31
CA PRO B 97 -1.44 -26.21 -3.40
C PRO B 97 -0.15 -25.44 -3.14
N VAL B 98 0.04 -24.34 -3.85
CA VAL B 98 1.19 -23.46 -3.64
C VAL B 98 0.90 -22.54 -2.47
N THR B 99 1.94 -22.19 -1.71
CA THR B 99 1.76 -21.39 -0.50
C THR B 99 2.84 -20.32 -0.42
N PHE B 100 2.47 -19.20 0.19
CA PHE B 100 3.38 -18.08 0.44
C PHE B 100 3.64 -17.94 1.93
N GLY B 101 4.81 -17.42 2.26
CA GLY B 101 5.04 -16.93 3.60
C GLY B 101 4.38 -15.58 3.80
N HIS B 102 4.39 -15.11 5.04
CA HIS B 102 3.82 -13.81 5.35
C HIS B 102 4.81 -12.67 5.14
N GLY B 103 6.07 -12.98 4.89
CA GLY B 103 7.03 -11.98 4.45
C GLY B 103 7.92 -11.49 5.58
N THR B 104 9.01 -10.83 5.18
CA THR B 104 9.94 -10.18 6.10
C THR B 104 10.10 -8.74 5.66
N LYS B 105 9.62 -7.81 6.48
CA LYS B 105 9.82 -6.40 6.20
C LYS B 105 11.30 -6.05 6.36
N VAL B 106 11.81 -5.21 5.46
CA VAL B 106 13.20 -4.78 5.48
C VAL B 106 13.21 -3.25 5.53
N GLU B 107 13.48 -2.70 6.70
CA GLU B 107 13.71 -1.27 6.84
C GLU B 107 15.16 -0.95 6.54
N ILE B 108 15.39 0.25 6.02
CA ILE B 108 16.74 0.76 5.78
C ILE B 108 17.08 1.75 6.90
N LYS B 109 18.16 1.47 7.62
CA LYS B 109 18.54 2.28 8.77
C LYS B 109 19.30 3.53 8.33
N ARG B 110 19.12 4.60 9.10
CA ARG B 110 19.82 5.85 8.84
C ARG B 110 19.95 6.61 10.16
N THR B 111 20.60 7.78 10.08
CA THR B 111 20.84 8.57 11.28
C THR B 111 19.54 9.20 11.77
N VAL B 112 19.48 9.44 13.09
CA VAL B 112 18.27 9.92 13.72
C VAL B 112 17.91 11.29 13.16
N ALA B 113 16.64 11.47 12.83
CA ALA B 113 16.13 12.72 12.27
C ALA B 113 14.85 13.10 12.99
N ALA B 114 14.81 14.33 13.48
CA ALA B 114 13.63 14.83 14.18
C ALA B 114 12.59 15.34 13.19
N PRO B 115 11.31 15.17 13.50
CA PRO B 115 10.27 15.69 12.61
C PRO B 115 10.01 17.16 12.83
N SER B 116 9.65 17.83 11.74
CA SER B 116 9.03 19.15 11.82
C SER B 116 7.53 18.96 11.92
N VAL B 117 6.90 19.63 12.87
CA VAL B 117 5.50 19.38 13.22
C VAL B 117 4.65 20.54 12.72
N PHE B 118 3.51 20.21 12.12
CA PHE B 118 2.53 21.18 11.67
C PHE B 118 1.15 20.72 12.11
N ILE B 119 0.29 21.69 12.42
CA ILE B 119 -1.07 21.40 12.86
C ILE B 119 -2.04 22.19 11.99
N PHE B 120 -3.12 21.54 11.55
CA PHE B 120 -4.08 22.16 10.66
C PHE B 120 -5.45 22.21 11.35
N PRO B 121 -5.98 23.39 11.63
CA PRO B 121 -7.35 23.48 12.13
C PRO B 121 -8.33 23.00 11.08
N PRO B 122 -9.54 22.60 11.48
CA PRO B 122 -10.54 22.23 10.48
C PRO B 122 -10.82 23.40 9.54
N SER B 123 -11.13 23.09 8.30
CA SER B 123 -11.62 24.09 7.36
C SER B 123 -12.98 24.58 7.83
N ASP B 124 -13.55 25.58 7.16
CA ASP B 124 -14.91 25.98 7.48
C ASP B 124 -15.93 25.45 6.48
N GLU B 125 -15.49 25.00 5.31
CA GLU B 125 -16.32 24.09 4.54
C GLU B 125 -16.69 22.86 5.37
N GLN B 126 -15.73 22.34 6.15
CA GLN B 126 -15.94 21.08 6.86
C GLN B 126 -16.78 21.25 8.13
N LEU B 127 -16.80 22.47 8.71
CA LEU B 127 -17.63 22.69 9.89
C LEU B 127 -19.09 22.92 9.50
N LYS B 128 -19.32 23.50 8.32
CA LYS B 128 -20.64 23.38 7.71
C LYS B 128 -21.07 21.92 7.62
N SER B 129 -20.14 21.01 7.27
CA SER B 129 -20.53 19.61 7.11
C SER B 129 -21.09 19.05 8.41
N GLY B 130 -20.64 19.57 9.55
CA GLY B 130 -21.02 19.07 10.85
C GLY B 130 -19.94 18.30 11.56
N THR B 131 -18.76 18.13 10.94
CA THR B 131 -17.67 17.38 11.54
C THR B 131 -16.39 18.23 11.50
N ALA B 132 -15.57 18.09 12.54
CA ALA B 132 -14.31 18.81 12.66
C ALA B 132 -13.15 17.82 12.60
N SER B 133 -12.24 18.02 11.66
CA SER B 133 -11.03 17.20 11.54
C SER B 133 -9.83 18.08 11.83
N VAL B 134 -9.05 17.71 12.84
CA VAL B 134 -7.80 18.38 13.17
C VAL B 134 -6.66 17.45 12.77
N VAL B 135 -5.75 17.96 11.96
CA VAL B 135 -4.67 17.17 11.37
C VAL B 135 -3.34 17.63 11.95
N CYS B 136 -2.47 16.67 12.24
CA CYS B 136 -1.12 16.94 12.72
C CYS B 136 -0.13 16.22 11.83
N LEU B 137 0.81 16.97 11.25
CA LEU B 137 1.79 16.44 10.31
C LEU B 137 3.15 16.35 10.97
N LEU B 138 3.84 15.23 10.73
CA LEU B 138 5.21 15.01 11.18
C LEU B 138 6.02 14.68 9.93
N ASN B 139 6.80 15.65 9.44
CA ASN B 139 7.43 15.54 8.13
C ASN B 139 8.85 15.02 8.27
N ASN B 140 9.13 13.92 7.56
CA ASN B 140 10.47 13.37 7.35
C ASN B 140 11.30 13.27 8.61
N PHE B 141 11.14 12.15 9.32
CA PHE B 141 11.88 11.84 10.53
C PHE B 141 12.35 10.39 10.46
N TYR B 142 13.17 10.01 11.44
CA TYR B 142 13.59 8.62 11.59
C TYR B 142 14.10 8.44 13.00
N PRO B 143 13.77 7.32 13.68
CA PRO B 143 13.03 6.15 13.18
C PRO B 143 11.53 6.35 13.08
N ARG B 144 10.81 5.30 12.67
CA ARG B 144 9.36 5.41 12.55
C ARG B 144 8.70 5.59 13.91
N GLU B 145 9.33 5.11 14.99
CA GLU B 145 8.75 5.21 16.32
C GLU B 145 8.59 6.66 16.74
N ALA B 146 7.34 7.07 16.98
CA ALA B 146 7.04 8.42 17.43
C ALA B 146 5.72 8.40 18.18
N LYS B 147 5.56 9.36 19.08
CA LYS B 147 4.39 9.44 19.95
C LYS B 147 3.68 10.77 19.72
N VAL B 148 2.46 10.69 19.20
CA VAL B 148 1.63 11.86 18.91
C VAL B 148 0.41 11.81 19.82
N GLN B 149 0.11 12.92 20.46
CA GLN B 149 -1.00 13.00 21.41
C GLN B 149 -1.75 14.30 21.23
N TRP B 150 -3.08 14.22 21.32
CA TRP B 150 -3.94 15.38 21.21
C TRP B 150 -4.38 15.86 22.60
N LYS B 151 -4.37 17.17 22.79
CA LYS B 151 -4.85 17.79 24.02
C LYS B 151 -5.81 18.89 23.64
N VAL B 152 -7.04 18.80 24.13
CA VAL B 152 -8.08 19.78 23.84
C VAL B 152 -8.42 20.50 25.14
N ASP B 153 -8.19 21.81 25.16
CA ASP B 153 -8.21 22.59 26.39
C ASP B 153 -7.35 21.91 27.47
N ASN B 154 -6.20 21.41 27.04
CA ASN B 154 -5.21 20.76 27.90
C ASN B 154 -5.73 19.48 28.54
N ALA B 155 -6.61 18.77 27.84
CA ALA B 155 -7.11 17.47 28.29
C ALA B 155 -6.70 16.42 27.25
N LEU B 156 -5.96 15.41 27.70
CA LEU B 156 -5.45 14.40 26.77
C LEU B 156 -6.60 13.58 26.19
N GLN B 157 -6.60 13.44 24.87
CA GLN B 157 -7.67 12.76 24.16
C GLN B 157 -7.39 11.28 24.02
N SER B 158 -8.46 10.51 23.80
CA SER B 158 -8.36 9.07 23.67
C SER B 158 -9.44 8.57 22.72
N GLY B 159 -9.04 7.68 21.81
CA GLY B 159 -9.98 6.99 20.94
C GLY B 159 -10.44 7.76 19.72
N ASN B 160 -10.21 9.07 19.65
CA ASN B 160 -10.70 9.88 18.54
C ASN B 160 -9.57 10.32 17.61
N SER B 161 -8.56 9.48 17.42
CA SER B 161 -7.44 9.77 16.55
C SER B 161 -7.12 8.57 15.68
N GLN B 162 -6.60 8.84 14.49
CA GLN B 162 -6.15 7.81 13.56
C GLN B 162 -4.87 8.28 12.90
N GLU B 163 -3.84 7.44 12.93
CA GLU B 163 -2.56 7.78 12.34
C GLU B 163 -2.40 7.11 10.98
N SER B 164 -1.54 7.71 10.16
CA SER B 164 -1.25 7.22 8.82
C SER B 164 0.18 7.59 8.47
N VAL B 165 0.93 6.65 7.91
CA VAL B 165 2.37 6.78 7.74
C VAL B 165 2.76 6.48 6.29
N THR B 166 3.66 7.29 5.75
CA THR B 166 4.23 7.04 4.44
C THR B 166 5.28 5.94 4.52
N GLU B 167 5.60 5.36 3.38
CA GLU B 167 6.71 4.42 3.34
C GLU B 167 8.03 5.20 3.42
N GLN B 168 9.11 4.46 3.69
CA GLN B 168 10.43 5.05 3.72
C GLN B 168 10.72 5.80 2.43
N ASP B 169 11.06 7.08 2.55
CA ASP B 169 11.44 7.88 1.40
C ASP B 169 12.58 7.20 0.65
N SER B 170 12.52 7.29 -0.69
CA SER B 170 13.58 6.67 -1.47
C SER B 170 14.87 7.48 -1.40
N LYS B 171 14.76 8.81 -1.35
CA LYS B 171 15.93 9.67 -1.26
C LYS B 171 16.61 9.56 0.10
N ASP B 172 15.95 10.06 1.15
CA ASP B 172 16.58 10.18 2.46
C ASP B 172 16.13 9.13 3.46
N SER B 173 15.26 8.19 3.05
CA SER B 173 14.84 7.07 3.90
C SER B 173 14.17 7.52 5.19
N THR B 174 13.39 8.60 5.12
CA THR B 174 12.62 9.06 6.26
C THR B 174 11.17 8.61 6.16
N TYR B 175 10.46 8.81 7.26
CA TYR B 175 9.01 8.65 7.31
C TYR B 175 8.34 9.99 7.56
N SER B 176 7.10 10.10 7.11
CA SER B 176 6.24 11.24 7.44
C SER B 176 4.90 10.72 7.90
N LEU B 177 4.34 11.36 8.93
CA LEU B 177 3.20 10.80 9.65
C LEU B 177 2.03 11.78 9.67
N SER B 178 0.84 11.25 9.46
CA SER B 178 -0.40 12.00 9.63
C SER B 178 -1.14 11.48 10.85
N SER B 179 -1.80 12.38 11.56
CA SER B 179 -2.65 12.02 12.69
C SER B 179 -3.84 12.96 12.69
N THR B 180 -5.03 12.40 12.46
CA THR B 180 -6.26 13.18 12.29
C THR B 180 -7.16 12.99 13.51
N LEU B 181 -7.42 14.08 14.23
CA LEU B 181 -8.32 14.08 15.38
C LEU B 181 -9.70 14.53 14.92
N THR B 182 -10.68 13.65 15.05
CA THR B 182 -12.02 13.88 14.54
C THR B 182 -12.96 14.25 15.67
N LEU B 183 -13.69 15.36 15.49
CA LEU B 183 -14.62 15.85 16.50
C LEU B 183 -15.92 16.25 15.84
N SER B 184 -16.93 16.47 16.67
CA SER B 184 -18.18 17.07 16.21
C SER B 184 -18.00 18.59 16.10
N LYS B 185 -18.87 19.21 15.31
CA LYS B 185 -18.93 20.67 15.30
C LYS B 185 -19.23 21.22 16.69
N ALA B 186 -19.95 20.47 17.50
CA ALA B 186 -20.34 20.89 18.85
C ALA B 186 -19.16 20.89 19.81
N ASP B 187 -18.58 19.71 20.07
CA ASP B 187 -17.45 19.63 20.98
C ASP B 187 -16.26 20.44 20.48
N TYR B 188 -16.17 20.64 19.16
CA TYR B 188 -15.10 21.48 18.63
C TYR B 188 -15.25 22.93 19.07
N GLU B 189 -16.48 23.46 19.03
CA GLU B 189 -16.68 24.86 19.35
C GLU B 189 -16.91 25.11 20.83
N LYS B 190 -17.07 24.07 21.64
CA LYS B 190 -17.13 24.20 23.09
C LYS B 190 -15.74 24.16 23.73
N HIS B 191 -14.68 24.20 22.92
CA HIS B 191 -13.31 24.23 23.39
C HIS B 191 -12.57 25.38 22.69
N LYS B 192 -11.34 25.62 23.12
CA LYS B 192 -10.58 26.73 22.53
C LYS B 192 -9.19 26.31 22.07
N VAL B 193 -8.41 25.68 22.94
CA VAL B 193 -7.00 25.39 22.66
C VAL B 193 -6.87 23.95 22.21
N TYR B 194 -6.40 23.74 20.98
CA TYR B 194 -6.14 22.43 20.41
C TYR B 194 -4.65 22.29 20.18
N ALA B 195 -4.03 21.32 20.84
CA ALA B 195 -2.59 21.12 20.77
C ALA B 195 -2.27 19.70 20.27
N CYS B 196 -1.14 19.59 19.57
CA CYS B 196 -0.60 18.31 19.14
C CYS B 196 0.80 18.18 19.71
N GLU B 197 1.01 17.14 20.51
CA GLU B 197 2.27 16.95 21.24
C GLU B 197 3.00 15.75 20.66
N VAL B 198 4.19 16.01 20.10
CA VAL B 198 5.01 14.99 19.45
C VAL B 198 6.24 14.73 20.30
N THR B 199 6.51 13.45 20.56
CA THR B 199 7.71 13.03 21.27
C THR B 199 8.43 11.99 20.42
N HIS B 200 9.69 12.26 20.08
CA HIS B 200 10.45 11.41 19.17
C HIS B 200 11.88 11.29 19.68
N GLN B 201 12.56 10.24 19.22
CA GLN B 201 13.92 9.95 19.69
C GLN B 201 14.86 11.12 19.46
N GLY B 202 14.80 11.71 18.28
CA GLY B 202 15.67 12.83 17.96
C GLY B 202 15.16 14.16 18.48
N LEU B 203 14.47 14.13 19.63
CA LEU B 203 13.90 15.32 20.23
C LEU B 203 14.34 15.38 21.68
N SER B 204 15.04 16.47 22.04
CA SER B 204 15.46 16.66 23.43
C SER B 204 14.30 16.50 24.39
N SER B 205 13.15 17.05 24.04
CA SER B 205 11.93 16.90 24.84
C SER B 205 10.73 17.18 23.93
N PRO B 206 9.55 16.62 24.24
CA PRO B 206 8.38 16.75 23.37
C PRO B 206 8.11 18.13 22.79
N VAL B 207 7.72 18.16 21.51
CA VAL B 207 7.33 19.37 20.80
C VAL B 207 5.82 19.47 20.78
N THR B 208 5.30 20.69 20.92
CA THR B 208 3.87 20.93 20.94
C THR B 208 3.52 22.04 19.95
N LYS B 209 2.62 21.74 19.02
CA LYS B 209 2.06 22.72 18.11
C LYS B 209 0.57 22.86 18.40
N SER B 210 0.08 24.09 18.44
CA SER B 210 -1.29 24.33 18.88
C SER B 210 -1.86 25.56 18.19
N PHE B 211 -3.17 25.72 18.33
CA PHE B 211 -3.86 26.92 17.89
C PHE B 211 -5.05 27.16 18.80
N ASN B 212 -5.48 28.42 18.86
CA ASN B 212 -6.73 28.79 19.50
C ASN B 212 -7.78 29.03 18.43
N ARG B 213 -9.02 28.62 18.69
CA ARG B 213 -10.06 28.66 17.67
C ARG B 213 -10.29 30.05 17.10
N GLY B 214 -9.73 31.10 17.71
CA GLY B 214 -9.72 32.41 17.11
C GLY B 214 -8.30 32.89 16.85
N GLU B 215 -7.88 32.83 15.59
CA GLU B 215 -6.52 33.21 15.22
C GLU B 215 -6.50 34.04 13.94
#